data_4UMU
#
_entry.id   4UMU
#
_cell.length_a   103.359
_cell.length_b   103.359
_cell.length_c   65.255
_cell.angle_alpha   90.00
_cell.angle_beta   90.00
_cell.angle_gamma   120.00
#
_symmetry.space_group_name_H-M   'P 31 2 1'
#
loop_
_entity.id
_entity.type
_entity.pdbx_description
1 polymer 'Maternal embryonic leucine zipper kinase'
2 non-polymer (2-ethoxy-4-{[3-(isoquinolin-7-yl)prop-2-yn-1-yl]oxy}phenyl)methanaminium
3 water water
#
_entity_poly.entity_id   1
_entity_poly.type   'polypeptide(L)'
_entity_poly.pdbx_seq_one_letter_code
;MGSSHHHHHHSSGLVPRGSHMKDYDELLKYYELHETIGTGGFAKVKLACHILTGEMVAIKIMDKNTLGSDLPRIKTEIEA
LKNLRHQHICQLYHVLETANKIFMVLEYCPGGELFDYIISQDRLSEEETRVVFRQIVSAVAYVHSQGYAHRDLKPENLLF
DEYHKLKLIDFGLCAKPKGNKDYHLQTCCGSLAYAAPELIQGKSYLGSEADVWSMGILLYVLMCGFLPFDDDTAAALVAK
IMRGKYDVPKWLSPSSILLLQQMLQVDPKKRISMKNLLNHPWIMQDYNYPVEWQSKNPFIHLDDDCVTELSVHHRNNRQT
MEDLISLWQYDHLTATYLLLLAKKARGKPVRLRLSS
;
_entity_poly.pdbx_strand_id   A
#
# COMPACT_ATOMS: atom_id res chain seq x y z
N ASP A 23 -8.94 -5.76 -23.58
CA ASP A 23 -9.42 -7.14 -23.92
C ASP A 23 -9.05 -8.17 -22.84
N TYR A 24 -9.82 -9.25 -22.79
CA TYR A 24 -9.79 -10.22 -21.71
C TYR A 24 -9.21 -11.57 -22.10
N ASP A 25 -8.98 -11.75 -23.39
CA ASP A 25 -8.64 -13.05 -23.95
C ASP A 25 -7.40 -13.68 -23.29
N GLU A 26 -6.29 -12.97 -23.28
CA GLU A 26 -5.08 -13.45 -22.61
C GLU A 26 -5.32 -13.64 -21.11
N LEU A 27 -5.87 -12.62 -20.45
CA LEU A 27 -6.13 -12.70 -18.99
C LEU A 27 -6.83 -14.00 -18.58
N LEU A 28 -7.90 -14.33 -19.30
CA LEU A 28 -8.74 -15.50 -18.97
C LEU A 28 -8.07 -16.83 -19.27
N LYS A 29 -6.95 -16.83 -19.98
CA LYS A 29 -6.14 -18.02 -20.14
C LYS A 29 -5.42 -18.37 -18.84
N TYR A 30 -5.21 -17.37 -17.98
CA TYR A 30 -4.48 -17.56 -16.71
C TYR A 30 -5.34 -17.47 -15.42
N TYR A 31 -6.44 -16.72 -15.49
CA TYR A 31 -7.29 -16.49 -14.31
C TYR A 31 -8.76 -16.76 -14.59
N GLU A 32 -9.45 -17.30 -13.58
CA GLU A 32 -10.91 -17.42 -13.54
C GLU A 32 -11.47 -16.30 -12.67
N LEU A 33 -12.34 -15.46 -13.26
CA LEU A 33 -12.94 -14.34 -12.54
C LEU A 33 -14.02 -14.79 -11.57
N HIS A 34 -14.01 -14.23 -10.37
CA HIS A 34 -15.09 -14.40 -9.40
C HIS A 34 -15.78 -13.04 -9.24
N GLU A 35 -16.23 -12.69 -8.03
CA GLU A 35 -17.00 -11.44 -7.83
C GLU A 35 -16.19 -10.16 -7.97
N THR A 36 -16.90 -9.06 -8.21
CA THR A 36 -16.36 -7.72 -8.06
C THR A 36 -16.22 -7.50 -6.57
N ILE A 37 -15.14 -6.86 -6.17
CA ILE A 37 -14.99 -6.50 -4.77
C ILE A 37 -14.78 -4.99 -4.61
N GLY A 38 -13.90 -4.44 -5.43
CA GLY A 38 -13.57 -3.02 -5.39
C GLY A 38 -14.42 -2.18 -6.32
N THR A 39 -15.08 -1.18 -5.73
CA THR A 39 -15.92 -0.20 -6.45
C THR A 39 -15.09 1.08 -6.72
N GLY A 40 -15.19 1.62 -7.93
CA GLY A 40 -14.39 2.79 -8.31
C GLY A 40 -14.96 3.67 -9.41
N GLY A 41 -14.08 4.42 -10.06
CA GLY A 41 -14.46 5.45 -11.05
C GLY A 41 -13.72 5.32 -12.38
N PHE A 42 -12.41 5.11 -12.31
CA PHE A 42 -11.59 4.77 -13.48
C PHE A 42 -11.15 3.29 -13.49
N ALA A 43 -11.56 2.54 -12.45
CA ALA A 43 -11.11 1.16 -12.23
C ALA A 43 -12.04 0.24 -11.37
N LYS A 44 -12.14 -1.02 -11.79
CA LYS A 44 -12.91 -2.06 -11.12
C LYS A 44 -11.88 -2.99 -10.51
N VAL A 45 -12.27 -3.78 -9.52
CA VAL A 45 -11.39 -4.80 -8.95
C VAL A 45 -12.18 -6.09 -8.85
N LYS A 46 -11.55 -7.20 -9.24
CA LYS A 46 -12.21 -8.49 -9.22
C LYS A 46 -11.44 -9.50 -8.41
N LEU A 47 -12.15 -10.32 -7.65
CA LEU A 47 -11.55 -11.50 -7.06
C LEU A 47 -11.39 -12.52 -8.17
N ALA A 48 -10.32 -13.29 -8.12
CA ALA A 48 -10.03 -14.25 -9.18
C ALA A 48 -9.15 -15.36 -8.63
N CYS A 49 -9.17 -16.49 -9.35
CA CYS A 49 -8.32 -17.63 -9.04
C CYS A 49 -7.25 -17.74 -10.12
N HIS A 50 -6.00 -17.86 -9.68
CA HIS A 50 -4.86 -18.13 -10.56
C HIS A 50 -4.87 -19.63 -10.88
N ILE A 51 -5.21 -19.95 -12.12
CA ILE A 51 -5.50 -21.34 -12.49
C ILE A 51 -4.42 -22.36 -12.13
N LEU A 52 -3.16 -22.06 -12.45
CA LEU A 52 -2.09 -23.05 -12.30
C LEU A 52 -1.80 -23.42 -10.85
N THR A 53 -1.88 -22.46 -9.95
CA THR A 53 -1.61 -22.68 -8.51
C THR A 53 -2.88 -22.85 -7.66
N GLY A 54 -4.02 -22.42 -8.17
CA GLY A 54 -5.26 -22.41 -7.40
C GLY A 54 -5.39 -21.30 -6.38
N GLU A 55 -4.48 -20.32 -6.39
CA GLU A 55 -4.47 -19.27 -5.36
C GLU A 55 -5.35 -18.08 -5.76
N MET A 56 -5.99 -17.48 -4.77
CA MET A 56 -6.83 -16.32 -5.02
C MET A 56 -5.98 -15.05 -5.11
N VAL A 57 -6.40 -14.13 -5.96
CA VAL A 57 -5.73 -12.85 -6.22
C VAL A 57 -6.83 -11.76 -6.36
N ALA A 58 -6.43 -10.49 -6.25
CA ALA A 58 -7.29 -9.39 -6.67
C ALA A 58 -6.74 -8.84 -7.98
N ILE A 59 -7.62 -8.57 -8.94
CA ILE A 59 -7.20 -8.02 -10.23
C ILE A 59 -7.80 -6.63 -10.40
N LYS A 60 -6.92 -5.64 -10.45
CA LYS A 60 -7.34 -4.26 -10.66
C LYS A 60 -7.32 -4.00 -12.16
N ILE A 61 -8.47 -3.58 -12.66
CA ILE A 61 -8.68 -3.35 -14.08
C ILE A 61 -8.70 -1.84 -14.33
N MET A 62 -7.69 -1.35 -15.04
CA MET A 62 -7.59 0.09 -15.34
C MET A 62 -7.81 0.26 -16.83
N ASP A 63 -8.50 1.32 -17.23
CA ASP A 63 -8.72 1.62 -18.66
C ASP A 63 -7.80 2.75 -19.15
N LYS A 64 -7.11 2.49 -20.25
CA LYS A 64 -6.07 3.39 -20.78
C LYS A 64 -6.65 4.74 -21.24
N ASN A 65 -7.74 4.68 -21.99
CA ASN A 65 -8.35 5.90 -22.49
C ASN A 65 -8.94 6.75 -21.37
N THR A 66 -9.56 6.10 -20.39
CA THR A 66 -10.06 6.78 -19.20
C THR A 66 -8.94 7.42 -18.39
N LEU A 67 -7.75 6.80 -18.40
CA LEU A 67 -6.58 7.38 -17.73
C LEU A 67 -6.00 8.58 -18.48
N GLY A 68 -6.05 8.57 -19.81
CA GLY A 68 -5.57 9.69 -20.63
C GLY A 68 -4.08 9.95 -20.42
N SER A 69 -3.75 11.19 -20.05
CA SER A 69 -2.36 11.61 -19.82
C SER A 69 -1.85 11.31 -18.40
N ASP A 70 -2.63 10.56 -17.62
CA ASP A 70 -2.12 9.93 -16.40
C ASP A 70 -1.44 8.61 -16.69
N LEU A 71 -1.68 8.08 -17.89
CA LEU A 71 -1.02 6.86 -18.33
C LEU A 71 0.46 6.78 -17.87
N PRO A 72 1.29 7.79 -18.21
CA PRO A 72 2.71 7.75 -17.82
C PRO A 72 2.94 7.69 -16.32
N ARG A 73 2.24 8.52 -15.58
CA ARG A 73 2.37 8.58 -14.13
C ARG A 73 1.98 7.23 -13.48
N ILE A 74 0.91 6.63 -14.00
CA ILE A 74 0.44 5.32 -13.53
C ILE A 74 1.50 4.21 -13.80
N LYS A 75 2.10 4.24 -14.99
CA LYS A 75 3.15 3.29 -15.39
C LYS A 75 4.42 3.44 -14.56
N THR A 76 4.80 4.67 -14.28
CA THR A 76 5.90 4.97 -13.36
C THR A 76 5.66 4.40 -11.97
N GLU A 77 4.45 4.53 -11.46
CA GLU A 77 4.14 4.00 -10.14
C GLU A 77 4.09 2.47 -10.14
N ILE A 78 3.57 1.87 -11.21
CA ILE A 78 3.61 0.42 -11.41
C ILE A 78 5.07 -0.08 -11.43
N GLU A 79 5.92 0.65 -12.12
CA GLU A 79 7.35 0.37 -12.10
C GLU A 79 7.93 0.41 -10.67
N ALA A 80 7.51 1.42 -9.88
CA ALA A 80 7.99 1.54 -8.49
C ALA A 80 7.52 0.35 -7.67
N LEU A 81 6.28 -0.05 -7.86
CA LEU A 81 5.75 -1.20 -7.10
C LEU A 81 6.49 -2.52 -7.38
N LYS A 82 6.94 -2.69 -8.62
CA LYS A 82 7.75 -3.87 -9.00
C LYS A 82 9.02 -4.00 -8.16
N ASN A 83 9.51 -2.87 -7.62
CA ASN A 83 10.72 -2.87 -6.78
C ASN A 83 10.45 -2.83 -5.27
N LEU A 84 9.21 -3.04 -4.87
CA LEU A 84 8.88 -3.10 -3.46
C LEU A 84 8.48 -4.53 -3.09
N ARG A 85 8.95 -4.96 -1.92
CA ARG A 85 8.64 -6.26 -1.40
C ARG A 85 8.69 -6.15 0.11
N HIS A 86 7.52 -6.24 0.74
CA HIS A 86 7.36 -5.90 2.15
C HIS A 86 6.07 -6.46 2.71
N GLN A 87 6.15 -6.89 3.96
CA GLN A 87 5.02 -7.44 4.69
C GLN A 87 3.78 -6.51 4.81
N HIS A 88 4.00 -5.21 4.75
CA HIS A 88 2.88 -4.22 4.85
C HIS A 88 2.65 -3.46 3.56
N ILE A 89 3.15 -4.02 2.46
CA ILE A 89 2.85 -3.50 1.14
C ILE A 89 2.21 -4.58 0.32
N CYS A 90 1.08 -4.26 -0.30
CA CYS A 90 0.37 -5.20 -1.17
C CYS A 90 1.32 -5.70 -2.27
N GLN A 91 1.40 -7.02 -2.42
CA GLN A 91 2.32 -7.63 -3.38
C GLN A 91 1.76 -7.62 -4.80
N LEU A 92 2.56 -7.16 -5.75
CA LEU A 92 2.22 -7.27 -7.16
C LEU A 92 2.68 -8.64 -7.71
N TYR A 93 1.81 -9.36 -8.44
CA TYR A 93 2.17 -10.66 -9.09
C TYR A 93 2.38 -10.58 -10.61
N HIS A 94 1.64 -9.69 -11.27
CA HIS A 94 1.50 -9.77 -12.74
C HIS A 94 0.94 -8.45 -13.25
N VAL A 95 1.55 -7.92 -14.32
CA VAL A 95 0.98 -6.80 -15.07
C VAL A 95 0.76 -7.23 -16.52
N LEU A 96 -0.49 -7.13 -16.97
CA LEU A 96 -0.83 -7.55 -18.32
C LEU A 96 -1.44 -6.34 -19.04
N GLU A 97 -0.89 -5.99 -20.19
CA GLU A 97 -1.36 -4.83 -20.94
C GLU A 97 -1.92 -5.27 -22.28
N THR A 98 -3.03 -4.63 -22.67
CA THR A 98 -3.71 -4.93 -23.92
C THR A 98 -3.92 -3.62 -24.69
N ALA A 99 -4.71 -3.66 -25.75
CA ALA A 99 -5.06 -2.44 -26.50
C ALA A 99 -5.56 -1.30 -25.60
N ASN A 100 -6.56 -1.60 -24.77
CA ASN A 100 -7.24 -0.56 -23.97
C ASN A 100 -7.11 -0.66 -22.46
N LYS A 101 -6.45 -1.70 -21.96
CA LYS A 101 -6.48 -2.04 -20.53
C LYS A 101 -5.09 -2.31 -19.96
N ILE A 102 -4.94 -2.03 -18.68
CA ILE A 102 -3.85 -2.56 -17.86
C ILE A 102 -4.49 -3.29 -16.71
N PHE A 103 -4.05 -4.54 -16.51
CA PHE A 103 -4.52 -5.38 -15.42
C PHE A 103 -3.36 -5.52 -14.44
N MET A 104 -3.65 -5.30 -13.17
CA MET A 104 -2.69 -5.50 -12.12
C MET A 104 -3.22 -6.65 -11.28
N VAL A 105 -2.42 -7.71 -11.20
CA VAL A 105 -2.76 -8.86 -10.36
C VAL A 105 -1.99 -8.73 -9.06
N LEU A 106 -2.76 -8.68 -7.98
CA LEU A 106 -2.28 -8.27 -6.66
C LEU A 106 -2.72 -9.24 -5.58
N GLU A 107 -2.00 -9.20 -4.46
CA GLU A 107 -2.37 -9.87 -3.21
C GLU A 107 -3.78 -9.52 -2.78
N TYR A 108 -4.63 -10.54 -2.62
CA TYR A 108 -6.01 -10.34 -2.14
C TYR A 108 -5.97 -10.03 -0.65
N CYS A 109 -6.54 -8.88 -0.29
CA CYS A 109 -6.66 -8.38 1.08
C CYS A 109 -8.14 -8.37 1.50
N PRO A 110 -8.63 -9.47 2.10
CA PRO A 110 -10.06 -9.60 2.38
C PRO A 110 -10.70 -8.69 3.45
N GLY A 111 -9.91 -8.05 4.31
CA GLY A 111 -10.48 -7.24 5.41
C GLY A 111 -10.98 -5.84 5.06
N GLY A 112 -10.80 -5.42 3.81
CA GLY A 112 -11.37 -4.15 3.34
C GLY A 112 -10.54 -2.94 3.73
N GLU A 113 -11.03 -1.76 3.40
CA GLU A 113 -10.24 -0.54 3.62
C GLU A 113 -10.20 -0.13 5.10
N LEU A 114 -9.07 0.43 5.51
CA LEU A 114 -8.98 1.09 6.82
C LEU A 114 -10.09 2.15 6.98
N PHE A 115 -10.44 2.80 5.87
CA PHE A 115 -11.51 3.83 5.85
C PHE A 115 -12.80 3.33 6.48
N ASP A 116 -13.34 2.25 5.90
CA ASP A 116 -14.56 1.60 6.39
C ASP A 116 -14.37 1.08 7.83
N TYR A 117 -13.19 0.57 8.16
CA TYR A 117 -12.97 0.08 9.53
C TYR A 117 -13.09 1.23 10.54
N ILE A 118 -12.48 2.37 10.25
CA ILE A 118 -12.57 3.54 11.15
C ILE A 118 -14.03 3.96 11.36
N ILE A 119 -14.79 4.05 10.27
CA ILE A 119 -16.20 4.46 10.36
C ILE A 119 -17.01 3.44 11.16
N SER A 120 -16.75 2.14 10.93
CA SER A 120 -17.49 1.06 11.62
C SER A 120 -17.33 1.09 13.15
N GLN A 121 -16.20 1.60 13.62
CA GLN A 121 -15.84 1.60 15.03
C GLN A 121 -15.97 3.00 15.65
N ASP A 122 -16.28 3.99 14.83
CA ASP A 122 -16.30 5.39 15.25
C ASP A 122 -14.88 5.94 15.39
N ARG A 123 -14.13 5.48 16.39
CA ARG A 123 -12.71 5.79 16.51
C ARG A 123 -11.97 4.72 17.30
N LEU A 124 -10.73 4.43 16.91
CA LEU A 124 -9.94 3.40 17.59
C LEU A 124 -9.38 3.83 18.96
N SER A 125 -9.31 2.91 19.89
CA SER A 125 -8.55 3.09 21.12
C SER A 125 -7.12 3.49 20.81
N GLU A 126 -6.53 4.20 21.76
CA GLU A 126 -5.16 4.61 21.65
C GLU A 126 -4.24 3.41 21.40
N GLU A 127 -4.48 2.31 22.10
CA GLU A 127 -3.60 1.17 21.93
C GLU A 127 -3.81 0.44 20.58
N GLU A 128 -5.05 0.38 20.07
CA GLU A 128 -5.27 -0.14 18.72
C GLU A 128 -4.68 0.79 17.67
N THR A 129 -4.80 2.10 17.85
CA THR A 129 -4.24 3.00 16.82
C THR A 129 -2.73 2.83 16.77
N ARG A 130 -2.09 2.71 17.94
CA ARG A 130 -0.66 2.44 18.03
C ARG A 130 -0.24 1.19 17.22
N VAL A 131 -0.94 0.08 17.43
CA VAL A 131 -0.66 -1.18 16.66
C VAL A 131 -0.74 -0.94 15.15
N VAL A 132 -1.81 -0.29 14.73
CA VAL A 132 -2.06 -0.06 13.31
C VAL A 132 -1.09 0.97 12.72
N PHE A 133 -0.83 2.04 13.49
CA PHE A 133 0.05 3.10 13.06
C PHE A 133 1.50 2.66 12.86
N ARG A 134 1.96 1.79 13.74
CA ARG A 134 3.28 1.21 13.60
C ARG A 134 3.45 0.45 12.26
N GLN A 135 2.39 -0.21 11.81
CA GLN A 135 2.39 -0.93 10.51
C GLN A 135 2.49 0.08 9.33
N ILE A 136 1.78 1.18 9.44
CA ILE A 136 1.87 2.27 8.44
C ILE A 136 3.31 2.80 8.37
N VAL A 137 3.87 3.15 9.51
CA VAL A 137 5.23 3.65 9.57
C VAL A 137 6.22 2.63 9.00
N SER A 138 6.04 1.35 9.34
CA SER A 138 6.86 0.26 8.80
C SER A 138 6.90 0.35 7.27
N ALA A 139 5.71 0.31 6.68
CA ALA A 139 5.59 0.33 5.23
C ALA A 139 6.20 1.58 4.60
N VAL A 140 5.93 2.74 5.17
CA VAL A 140 6.33 4.02 4.56
C VAL A 140 7.85 4.22 4.71
N ALA A 141 8.37 3.87 5.87
CA ALA A 141 9.82 3.88 6.06
C ALA A 141 10.53 3.02 5.01
N TYR A 142 9.98 1.84 4.74
CA TYR A 142 10.56 0.96 3.72
C TYR A 142 10.51 1.59 2.32
N VAL A 143 9.37 2.17 1.96
CA VAL A 143 9.22 2.89 0.70
C VAL A 143 10.33 3.95 0.57
N HIS A 144 10.53 4.74 1.63
CA HIS A 144 11.56 5.79 1.59
C HIS A 144 12.98 5.17 1.44
N SER A 145 13.22 4.05 2.10
CA SER A 145 14.54 3.39 2.08
C SER A 145 14.89 2.94 0.65
N GLN A 146 13.87 2.58 -0.13
CA GLN A 146 14.05 2.20 -1.53
C GLN A 146 14.11 3.40 -2.50
N GLY A 147 14.09 4.61 -1.96
CA GLY A 147 14.24 5.81 -2.80
C GLY A 147 12.93 6.38 -3.34
N TYR A 148 11.80 6.03 -2.74
CA TYR A 148 10.50 6.46 -3.24
C TYR A 148 9.74 7.19 -2.14
N ALA A 149 8.67 7.87 -2.53
CA ALA A 149 7.72 8.44 -1.56
C ALA A 149 6.33 8.14 -2.07
N HIS A 150 5.38 7.97 -1.16
CA HIS A 150 4.05 7.54 -1.59
C HIS A 150 3.34 8.77 -2.15
N ARG A 151 3.18 9.78 -1.31
CA ARG A 151 2.58 11.09 -1.68
C ARG A 151 1.05 11.12 -1.77
N ASP A 152 0.39 9.98 -1.57
CA ASP A 152 -1.08 9.94 -1.45
C ASP A 152 -1.54 9.01 -0.34
N LEU A 153 -0.96 9.18 0.84
CA LEU A 153 -1.33 8.36 1.98
C LEU A 153 -2.69 8.86 2.46
N LYS A 154 -3.58 7.93 2.75
CA LYS A 154 -4.93 8.21 3.23
C LYS A 154 -5.55 6.82 3.48
N PRO A 155 -6.67 6.78 4.22
CA PRO A 155 -7.20 5.49 4.64
C PRO A 155 -7.70 4.60 3.51
N GLU A 156 -8.07 5.23 2.38
CA GLU A 156 -8.53 4.51 1.21
C GLU A 156 -7.39 3.75 0.52
N ASN A 157 -6.16 4.17 0.78
CA ASN A 157 -4.97 3.50 0.29
C ASN A 157 -4.35 2.47 1.28
N LEU A 158 -5.11 2.08 2.30
CA LEU A 158 -4.67 1.09 3.27
C LEU A 158 -5.75 0.03 3.43
N LEU A 159 -5.37 -1.22 3.20
CA LEU A 159 -6.24 -2.39 3.32
C LEU A 159 -5.80 -3.33 4.45
N PHE A 160 -6.76 -4.03 5.04
CA PHE A 160 -6.47 -5.11 5.99
C PHE A 160 -6.51 -6.47 5.31
N ASP A 161 -5.50 -7.31 5.60
CA ASP A 161 -5.57 -8.71 5.17
C ASP A 161 -6.46 -9.54 6.14
N GLU A 162 -6.48 -10.85 5.96
CA GLU A 162 -7.31 -11.75 6.78
C GLU A 162 -6.83 -11.87 8.24
N TYR A 163 -5.57 -11.51 8.49
CA TYR A 163 -5.01 -11.41 9.84
C TYR A 163 -5.17 -10.00 10.41
N HIS A 164 -5.97 -9.17 9.75
CA HIS A 164 -6.10 -7.77 10.12
C HIS A 164 -4.77 -7.01 10.19
N LYS A 165 -3.81 -7.38 9.35
CA LYS A 165 -2.57 -6.58 9.18
C LYS A 165 -2.75 -5.61 8.00
N LEU A 166 -2.12 -4.44 8.06
CA LEU A 166 -2.30 -3.43 7.02
C LEU A 166 -1.41 -3.70 5.84
N LYS A 167 -1.97 -3.46 4.66
CA LYS A 167 -1.27 -3.54 3.39
C LYS A 167 -1.45 -2.20 2.66
N LEU A 168 -0.34 -1.53 2.41
CA LEU A 168 -0.33 -0.27 1.68
C LEU A 168 -0.58 -0.53 0.19
N ILE A 169 -1.56 0.18 -0.36
CA ILE A 169 -1.82 0.17 -1.78
C ILE A 169 -1.59 1.57 -2.37
N ASP A 170 -2.11 1.80 -3.57
CA ASP A 170 -2.11 3.14 -4.16
C ASP A 170 -3.26 3.19 -5.18
N PHE A 171 -3.50 4.37 -5.76
CA PHE A 171 -4.54 4.58 -6.81
C PHE A 171 -5.96 4.54 -6.28
N GLY A 172 -6.08 4.46 -4.96
CA GLY A 172 -7.38 4.35 -4.29
C GLY A 172 -8.13 5.67 -4.32
N LEU A 173 -9.45 5.55 -4.37
CA LEU A 173 -10.34 6.70 -4.45
C LEU A 173 -10.83 7.09 -3.07
N CYS A 189 -13.24 16.71 -0.61
CA CYS A 189 -12.19 17.06 -1.58
C CYS A 189 -11.07 16.00 -1.63
N GLY A 190 -11.44 14.72 -1.53
CA GLY A 190 -10.51 13.60 -1.75
C GLY A 190 -9.27 13.62 -0.86
N SER A 191 -8.11 13.43 -1.47
CA SER A 191 -6.85 13.48 -0.72
C SER A 191 -6.33 14.91 -0.42
N LEU A 192 -7.06 15.95 -0.85
CA LEU A 192 -6.69 17.30 -0.45
C LEU A 192 -6.54 17.42 1.08
N ALA A 193 -7.40 16.74 1.82
CA ALA A 193 -7.40 16.83 3.29
C ALA A 193 -6.16 16.16 3.93
N TYR A 194 -5.53 15.25 3.18
CA TYR A 194 -4.32 14.57 3.62
C TYR A 194 -3.03 15.19 3.07
N ALA A 195 -3.16 16.20 2.21
CA ALA A 195 -2.01 16.81 1.55
C ALA A 195 -1.28 17.89 2.38
N ALA A 196 0.04 17.79 2.38
CA ALA A 196 0.91 18.73 3.09
C ALA A 196 0.89 20.16 2.49
N PRO A 197 1.00 21.21 3.35
CA PRO A 197 0.88 22.59 2.86
C PRO A 197 1.78 22.90 1.67
N GLU A 198 3.05 22.54 1.77
CA GLU A 198 4.01 22.81 0.67
C GLU A 198 3.62 22.04 -0.59
N LEU A 199 3.07 20.85 -0.42
CA LEU A 199 2.52 20.08 -1.53
C LEU A 199 1.37 20.86 -2.16
N ILE A 200 0.41 21.30 -1.33
CA ILE A 200 -0.78 22.03 -1.81
C ILE A 200 -0.45 23.23 -2.65
N GLN A 201 0.64 23.93 -2.32
CA GLN A 201 0.94 25.14 -3.08
C GLN A 201 2.08 24.98 -4.10
N GLY A 202 2.17 23.78 -4.67
CA GLY A 202 2.99 23.53 -5.87
C GLY A 202 4.46 23.92 -5.82
N LYS A 203 4.95 24.20 -4.62
CA LYS A 203 6.35 24.59 -4.44
C LYS A 203 7.21 23.35 -4.21
N SER A 204 8.50 23.58 -4.00
CA SER A 204 9.46 22.49 -3.87
C SER A 204 9.25 21.77 -2.56
N TYR A 205 9.31 20.44 -2.61
CA TYR A 205 9.11 19.68 -1.40
C TYR A 205 9.88 18.38 -1.44
N LEU A 206 10.04 17.73 -0.28
CA LEU A 206 10.57 16.36 -0.22
C LEU A 206 9.43 15.43 -0.01
N GLY A 207 9.32 14.41 -0.86
CA GLY A 207 8.27 13.40 -0.73
C GLY A 207 8.19 12.77 0.66
N SER A 208 9.35 12.52 1.28
CA SER A 208 9.39 11.91 2.64
C SER A 208 8.68 12.79 3.66
N GLU A 209 8.92 14.10 3.57
CA GLU A 209 8.30 15.08 4.47
C GLU A 209 6.79 15.22 4.28
N ALA A 210 6.36 15.20 3.02
CA ALA A 210 4.93 15.15 2.67
C ALA A 210 4.27 13.90 3.27
N ASP A 211 4.95 12.76 3.16
CA ASP A 211 4.45 11.51 3.74
C ASP A 211 4.30 11.59 5.28
N VAL A 212 5.21 12.29 5.97
CA VAL A 212 5.10 12.41 7.41
C VAL A 212 3.87 13.23 7.82
N TRP A 213 3.61 14.29 7.07
CA TRP A 213 2.45 15.15 7.29
C TRP A 213 1.18 14.32 7.12
N SER A 214 1.09 13.57 6.02
CA SER A 214 -0.06 12.71 5.76
C SER A 214 -0.28 11.64 6.86
N MET A 215 0.81 11.02 7.32
CA MET A 215 0.72 10.08 8.43
C MET A 215 0.21 10.74 9.72
N GLY A 216 0.56 12.01 9.93
CA GLY A 216 -0.02 12.82 11.01
C GLY A 216 -1.54 13.01 10.91
N ILE A 217 -2.02 13.30 9.71
CA ILE A 217 -3.48 13.39 9.47
C ILE A 217 -4.14 12.03 9.77
N LEU A 218 -3.57 10.96 9.23
CA LEU A 218 -4.02 9.56 9.50
C LEU A 218 -4.06 9.23 11.00
N LEU A 219 -3.02 9.63 11.72
CA LEU A 219 -2.95 9.45 13.18
C LEU A 219 -4.11 10.15 13.89
N TYR A 220 -4.39 11.39 13.50
CA TYR A 220 -5.54 12.11 14.02
C TYR A 220 -6.87 11.36 13.76
N VAL A 221 -7.09 11.00 12.51
CA VAL A 221 -8.31 10.32 12.11
C VAL A 221 -8.50 9.01 12.89
N LEU A 222 -7.45 8.20 12.97
CA LEU A 222 -7.52 6.96 13.72
C LEU A 222 -8.04 7.17 15.12
N MET A 223 -7.50 8.18 15.81
CA MET A 223 -7.84 8.43 17.21
C MET A 223 -9.12 9.25 17.40
N CYS A 224 -9.54 10.00 16.37
CA CYS A 224 -10.70 10.90 16.46
C CYS A 224 -11.93 10.51 15.65
N GLY A 225 -11.74 9.78 14.55
CA GLY A 225 -12.85 9.44 13.66
C GLY A 225 -13.34 10.61 12.80
N PHE A 226 -12.58 11.70 12.78
CA PHE A 226 -12.82 12.83 11.86
C PHE A 226 -11.52 13.58 11.60
N LEU A 227 -11.53 14.42 10.59
CA LEU A 227 -10.29 15.06 10.11
C LEU A 227 -9.93 16.29 10.92
N PRO A 228 -8.63 16.57 11.05
CA PRO A 228 -8.19 17.78 11.77
C PRO A 228 -8.49 19.07 10.99
N PHE A 229 -8.40 19.00 9.66
CA PHE A 229 -8.78 20.13 8.79
C PHE A 229 -9.90 19.69 7.83
N ASP A 230 -11.01 20.42 7.83
CA ASP A 230 -12.23 19.95 7.17
C ASP A 230 -13.13 21.10 6.78
N ASP A 231 -13.64 21.08 5.55
CA ASP A 231 -14.51 22.15 5.09
C ASP A 231 -15.27 21.84 3.80
N ASP A 232 -16.23 22.70 3.50
CA ASP A 232 -17.20 22.49 2.42
C ASP A 232 -16.66 22.83 1.03
N THR A 233 -15.53 23.53 0.99
CA THR A 233 -14.95 23.98 -0.27
C THR A 233 -13.44 23.84 -0.21
N ALA A 234 -12.80 23.88 -1.39
CA ALA A 234 -11.35 23.71 -1.52
C ALA A 234 -10.56 24.88 -0.91
N ALA A 235 -11.04 26.10 -1.14
CA ALA A 235 -10.36 27.32 -0.65
C ALA A 235 -10.34 27.37 0.87
N ALA A 236 -11.47 26.99 1.48
CA ALA A 236 -11.63 26.99 2.93
C ALA A 236 -10.75 25.93 3.58
N LEU A 237 -10.73 24.76 2.95
CA LEU A 237 -9.98 23.64 3.45
C LEU A 237 -8.50 23.96 3.36
N VAL A 238 -8.07 24.48 2.21
CA VAL A 238 -6.67 24.89 2.02
C VAL A 238 -6.23 25.97 3.00
N ALA A 239 -7.03 27.02 3.13
CA ALA A 239 -6.77 28.05 4.15
C ALA A 239 -6.46 27.44 5.52
N LYS A 240 -7.30 26.53 5.99
CA LYS A 240 -7.15 25.91 7.32
C LYS A 240 -5.84 25.14 7.43
N ILE A 241 -5.60 24.28 6.44
CA ILE A 241 -4.34 23.52 6.30
C ILE A 241 -3.11 24.42 6.43
N MET A 242 -3.08 25.53 5.70
CA MET A 242 -1.96 26.45 5.74
C MET A 242 -1.78 27.09 7.12
N ARG A 243 -2.88 27.40 7.81
CA ARG A 243 -2.77 27.99 9.14
C ARG A 243 -2.27 26.96 10.15
N GLY A 244 -2.63 25.70 9.93
CA GLY A 244 -2.19 24.61 10.77
C GLY A 244 -2.85 24.44 12.13
N LYS A 245 -3.94 25.18 12.38
CA LYS A 245 -4.67 25.05 13.64
C LYS A 245 -5.73 23.97 13.54
N TYR A 246 -5.92 23.22 14.63
CA TYR A 246 -6.98 22.21 14.68
C TYR A 246 -7.45 21.98 16.12
N ASP A 247 -8.67 21.46 16.27
CA ASP A 247 -9.21 21.13 17.59
C ASP A 247 -8.53 19.87 18.16
N VAL A 248 -8.45 19.82 19.48
CA VAL A 248 -7.83 18.73 20.20
C VAL A 248 -8.90 18.11 21.10
N PRO A 249 -9.55 17.03 20.65
CA PRO A 249 -10.57 16.42 21.51
C PRO A 249 -10.06 15.99 22.90
N LYS A 250 -10.96 16.04 23.86
CA LYS A 250 -10.64 15.86 25.27
C LYS A 250 -10.12 14.45 25.56
N TRP A 251 -10.48 13.48 24.73
CA TRP A 251 -10.04 12.11 24.96
C TRP A 251 -8.60 11.84 24.50
N LEU A 252 -7.96 12.79 23.82
CA LEU A 252 -6.58 12.61 23.37
C LEU A 252 -5.63 12.69 24.55
N SER A 253 -4.71 11.74 24.65
CA SER A 253 -3.74 11.75 25.76
C SER A 253 -2.77 12.89 25.52
N PRO A 254 -2.08 13.36 26.57
CA PRO A 254 -1.02 14.34 26.37
C PRO A 254 0.09 13.89 25.40
N SER A 255 0.46 12.62 25.45
CA SER A 255 1.54 12.12 24.58
C SER A 255 1.10 12.04 23.11
N SER A 256 -0.17 11.68 22.88
CA SER A 256 -0.79 11.74 21.55
C SER A 256 -0.81 13.16 21.01
N ILE A 257 -1.16 14.09 21.87
CA ILE A 257 -1.16 15.52 21.50
C ILE A 257 0.23 16.03 21.04
N LEU A 258 1.27 15.65 21.78
CA LEU A 258 2.66 16.03 21.45
C LEU A 258 3.16 15.44 20.14
N LEU A 259 2.88 14.16 19.89
CA LEU A 259 3.23 13.53 18.61
C LEU A 259 2.52 14.19 17.43
N LEU A 260 1.22 14.44 17.57
CA LEU A 260 0.45 15.11 16.53
C LEU A 260 1.07 16.44 16.14
N GLN A 261 1.50 17.22 17.13
CA GLN A 261 2.08 18.53 16.83
C GLN A 261 3.45 18.43 16.15
N GLN A 262 4.23 17.40 16.47
CA GLN A 262 5.48 17.14 15.74
C GLN A 262 5.28 16.72 14.27
N MET A 263 4.25 15.93 14.01
CA MET A 263 3.93 15.51 12.63
C MET A 263 3.21 16.59 11.80
N LEU A 264 2.38 17.40 12.45
CA LEU A 264 1.60 18.37 11.70
C LEU A 264 2.18 19.77 11.81
N GLN A 265 3.47 19.88 11.54
CA GLN A 265 4.16 21.17 11.47
C GLN A 265 4.03 21.69 10.04
N VAL A 266 3.50 22.89 9.90
CA VAL A 266 3.32 23.51 8.59
C VAL A 266 4.68 23.66 7.87
N ASP A 267 5.72 24.07 8.60
CA ASP A 267 7.06 24.21 8.02
C ASP A 267 7.72 22.83 7.97
N PRO A 268 8.02 22.32 6.76
CA PRO A 268 8.52 20.94 6.63
C PRO A 268 9.80 20.67 7.43
N LYS A 269 10.69 21.65 7.43
CA LYS A 269 11.92 21.66 8.26
C LYS A 269 11.70 21.39 9.77
N LYS A 270 10.53 21.76 10.30
CA LYS A 270 10.21 21.56 11.74
C LYS A 270 9.46 20.24 12.01
N ARG A 271 9.08 19.56 10.94
CA ARG A 271 8.37 18.30 11.01
C ARG A 271 9.32 17.20 11.48
N ILE A 272 8.81 16.30 12.32
CA ILE A 272 9.56 15.11 12.73
C ILE A 272 10.04 14.29 11.52
N SER A 273 11.26 13.77 11.62
CA SER A 273 11.86 12.94 10.58
C SER A 273 11.44 11.51 10.76
N MET A 274 11.55 10.70 9.71
CA MET A 274 11.25 9.29 9.82
C MET A 274 12.16 8.60 10.84
N LYS A 275 13.43 8.99 10.86
CA LYS A 275 14.37 8.50 11.85
C LYS A 275 13.84 8.62 13.28
N ASN A 276 13.32 9.79 13.62
CA ASN A 276 12.84 10.03 14.98
C ASN A 276 11.44 9.47 15.26
N LEU A 277 10.67 9.24 14.21
CA LEU A 277 9.39 8.59 14.36
C LEU A 277 9.54 7.11 14.71
N LEU A 278 10.54 6.44 14.12
CA LEU A 278 10.71 4.99 14.27
C LEU A 278 10.89 4.55 15.74
N ASN A 279 11.49 5.40 16.57
CA ASN A 279 11.69 5.10 17.98
C ASN A 279 11.09 6.17 18.90
N HIS A 280 10.03 6.81 18.44
CA HIS A 280 9.39 7.85 19.22
C HIS A 280 8.80 7.29 20.53
N PRO A 281 8.88 8.05 21.66
CA PRO A 281 8.27 7.54 22.92
C PRO A 281 6.84 7.02 22.80
N TRP A 282 5.97 7.78 22.14
CA TRP A 282 4.59 7.35 21.92
C TRP A 282 4.50 6.02 21.16
N ILE A 283 5.31 5.90 20.11
CA ILE A 283 5.36 4.71 19.25
C ILE A 283 5.76 3.47 20.05
N MET A 284 6.60 3.65 21.06
CA MET A 284 7.10 2.55 21.91
C MET A 284 6.40 2.45 23.27
N GLN A 285 5.28 3.14 23.43
CA GLN A 285 4.63 3.23 24.73
C GLN A 285 4.06 1.90 25.22
N ASP A 286 3.49 1.10 24.32
CA ASP A 286 2.92 -0.21 24.71
C ASP A 286 3.85 -1.39 24.40
N TYR A 287 4.64 -1.27 23.32
CA TYR A 287 5.55 -2.32 22.90
C TYR A 287 6.91 -1.63 22.72
N ASN A 288 7.81 -1.85 23.68
CA ASN A 288 9.00 -1.02 23.88
C ASN A 288 10.18 -1.37 22.97
N TYR A 289 9.96 -1.30 21.66
CA TYR A 289 10.93 -1.65 20.63
C TYR A 289 10.65 -0.72 19.45
N PRO A 290 11.69 -0.26 18.73
CA PRO A 290 11.43 0.58 17.55
C PRO A 290 10.65 -0.17 16.46
N VAL A 291 10.02 0.58 15.54
CA VAL A 291 9.31 -0.04 14.43
C VAL A 291 10.27 -0.90 13.60
N GLU A 292 9.87 -2.14 13.34
CA GLU A 292 10.58 -3.06 12.45
C GLU A 292 10.12 -2.65 11.06
N TRP A 293 10.91 -1.82 10.38
CA TRP A 293 10.51 -1.33 9.05
C TRP A 293 11.14 -2.16 7.96
N GLN A 294 12.19 -2.88 8.27
CA GLN A 294 12.92 -3.66 7.26
C GLN A 294 12.07 -4.81 6.71
N SER A 295 12.25 -5.09 5.43
CA SER A 295 11.51 -6.16 4.80
C SER A 295 11.82 -7.49 5.49
N LYS A 296 10.78 -8.26 5.79
CA LYS A 296 10.97 -9.54 6.47
C LYS A 296 11.10 -10.71 5.49
N ASN A 297 10.69 -10.52 4.26
CA ASN A 297 10.89 -11.56 3.25
C ASN A 297 11.45 -11.04 1.93
N PRO A 298 12.65 -10.42 1.97
CA PRO A 298 13.19 -9.83 0.74
C PRO A 298 13.54 -10.91 -0.27
N PHE A 299 13.61 -10.55 -1.56
CA PHE A 299 14.05 -11.52 -2.58
C PHE A 299 15.57 -11.59 -2.48
N ILE A 300 16.11 -12.75 -2.10
CA ILE A 300 17.59 -12.91 -2.04
C ILE A 300 17.98 -13.80 -3.23
N HIS A 301 17.82 -15.09 -3.10
CA HIS A 301 18.03 -15.97 -4.21
C HIS A 301 16.67 -16.61 -4.50
N LEU A 302 16.55 -17.15 -5.69
CA LEU A 302 15.36 -17.90 -6.06
C LEU A 302 15.17 -19.08 -5.10
N ASP A 303 13.92 -19.36 -4.76
CA ASP A 303 13.59 -20.51 -3.92
C ASP A 303 13.67 -21.81 -4.75
N ASP A 304 14.52 -22.73 -4.32
CA ASP A 304 14.78 -23.95 -5.07
C ASP A 304 13.54 -24.83 -5.31
N ASP A 305 12.69 -24.99 -4.30
CA ASP A 305 11.49 -25.81 -4.47
C ASP A 305 10.59 -25.24 -5.55
N CYS A 306 10.37 -23.92 -5.52
CA CYS A 306 9.56 -23.25 -6.57
C CYS A 306 10.15 -23.41 -7.98
N VAL A 307 11.47 -23.27 -8.09
CA VAL A 307 12.18 -23.46 -9.38
C VAL A 307 12.01 -24.91 -9.85
N THR A 308 12.22 -25.86 -8.94
CA THR A 308 12.06 -27.25 -9.27
C THR A 308 10.67 -27.47 -9.89
N GLU A 309 9.62 -27.05 -9.20
CA GLU A 309 8.29 -27.33 -9.66
C GLU A 309 8.01 -26.67 -11.01
N LEU A 310 8.49 -25.45 -11.18
CA LEU A 310 8.34 -24.74 -12.45
C LEU A 310 9.08 -25.46 -13.59
N SER A 311 10.25 -26.02 -13.26
CA SER A 311 11.07 -26.76 -14.24
C SER A 311 10.32 -28.01 -14.73
N VAL A 312 9.74 -28.77 -13.79
CA VAL A 312 9.03 -29.99 -14.17
C VAL A 312 7.87 -29.60 -15.03
N HIS A 313 7.15 -28.56 -14.62
CA HIS A 313 5.98 -28.14 -15.34
C HIS A 313 6.26 -27.64 -16.75
N HIS A 314 7.25 -26.76 -16.90
CA HIS A 314 7.55 -26.15 -18.19
C HIS A 314 8.49 -27.00 -19.06
N ARG A 315 8.84 -28.17 -18.56
CA ARG A 315 9.73 -29.10 -19.26
C ARG A 315 11.03 -28.37 -19.61
N ASN A 316 11.56 -27.64 -18.62
CA ASN A 316 12.88 -26.99 -18.70
C ASN A 316 13.83 -27.59 -17.67
N ASN A 317 15.14 -27.51 -17.94
CA ASN A 317 16.16 -27.75 -16.90
C ASN A 317 16.23 -26.57 -15.93
N ARG A 318 16.96 -26.73 -14.83
CA ARG A 318 16.99 -25.74 -13.73
C ARG A 318 17.64 -24.40 -14.14
N GLN A 319 18.78 -24.48 -14.81
CA GLN A 319 19.49 -23.27 -15.23
C GLN A 319 18.62 -22.40 -16.14
N THR A 320 17.99 -23.03 -17.12
CA THR A 320 17.15 -22.38 -18.13
C THR A 320 15.96 -21.71 -17.42
N MET A 321 15.35 -22.43 -16.49
CA MET A 321 14.20 -21.91 -15.74
C MET A 321 14.57 -20.74 -14.83
N GLU A 322 15.68 -20.84 -14.12
CA GLU A 322 16.17 -19.74 -13.28
C GLU A 322 16.44 -18.50 -14.12
N ASP A 323 17.01 -18.72 -15.30
CA ASP A 323 17.35 -17.64 -16.21
C ASP A 323 16.09 -16.91 -16.66
N LEU A 324 15.03 -17.65 -16.96
CA LEU A 324 13.74 -17.04 -17.34
C LEU A 324 13.12 -16.24 -16.18
N ILE A 325 13.09 -16.85 -15.00
CA ILE A 325 12.47 -16.24 -13.82
C ILE A 325 13.21 -14.92 -13.46
N SER A 326 14.54 -14.96 -13.51
CA SER A 326 15.38 -13.80 -13.19
C SER A 326 15.20 -12.56 -14.07
N LEU A 327 14.54 -12.69 -15.22
CA LEU A 327 14.16 -11.49 -15.99
C LEU A 327 13.08 -10.65 -15.27
N TRP A 328 12.34 -11.24 -14.33
CA TRP A 328 11.33 -10.53 -13.56
C TRP A 328 10.47 -9.61 -14.42
N GLN A 329 9.84 -10.18 -15.43
CA GLN A 329 8.99 -9.39 -16.34
C GLN A 329 7.61 -9.05 -15.76
N TYR A 330 7.24 -9.61 -14.62
CA TYR A 330 5.86 -9.53 -14.08
C TYR A 330 4.86 -9.98 -15.15
N ASP A 331 5.24 -11.07 -15.82
CA ASP A 331 4.35 -11.77 -16.73
C ASP A 331 3.74 -12.94 -15.93
N HIS A 332 3.14 -13.89 -16.64
CA HIS A 332 2.53 -15.06 -16.01
C HIS A 332 3.54 -15.92 -15.27
N LEU A 333 4.78 -16.00 -15.77
CA LEU A 333 5.84 -16.76 -15.07
C LEU A 333 6.19 -16.12 -13.72
N THR A 334 6.42 -14.81 -13.70
CA THR A 334 6.62 -14.10 -12.43
C THR A 334 5.46 -14.45 -11.43
N ALA A 335 4.22 -14.28 -11.89
CA ALA A 335 3.02 -14.53 -11.07
C ALA A 335 3.01 -15.94 -10.49
N THR A 336 3.32 -16.91 -11.34
CA THR A 336 3.35 -18.30 -10.90
C THR A 336 4.43 -18.57 -9.87
N TYR A 337 5.59 -17.98 -10.08
CA TYR A 337 6.71 -18.11 -9.14
C TYR A 337 6.35 -17.57 -7.76
N LEU A 338 5.83 -16.34 -7.75
CA LEU A 338 5.50 -15.63 -6.52
C LEU A 338 4.36 -16.29 -5.80
N LEU A 339 3.43 -16.89 -6.54
CA LEU A 339 2.30 -17.56 -5.90
C LEU A 339 2.71 -18.95 -5.33
N LEU A 340 3.66 -19.64 -5.96
CA LEU A 340 4.22 -20.86 -5.40
C LEU A 340 5.00 -20.54 -4.13
N LEU A 341 5.71 -19.42 -4.14
CA LEU A 341 6.42 -18.95 -2.96
C LEU A 341 5.46 -18.68 -1.77
N ALA A 342 4.35 -18.01 -2.07
CA ALA A 342 3.28 -17.81 -1.09
C ALA A 342 2.74 -19.15 -0.55
N LYS A 343 2.51 -20.14 -1.44
CA LYS A 343 2.06 -21.49 -1.03
C LYS A 343 3.01 -22.10 0.00
N LYS A 344 4.28 -22.08 -0.35
CA LYS A 344 5.31 -22.60 0.52
C LYS A 344 5.31 -21.90 1.87
N ALA A 345 5.15 -20.57 1.87
CA ALA A 345 5.10 -19.82 3.11
C ALA A 345 3.94 -20.26 4.00
N ARG A 346 2.88 -20.78 3.39
CA ARG A 346 1.70 -21.24 4.14
C ARG A 346 1.74 -22.72 4.48
N GLY A 347 2.88 -23.35 4.21
CA GLY A 347 3.08 -24.76 4.46
C GLY A 347 2.37 -25.71 3.52
N LYS A 348 1.91 -25.21 2.37
CA LYS A 348 1.19 -26.03 1.41
C LYS A 348 2.19 -26.67 0.45
N PRO A 349 1.84 -27.84 -0.12
CA PRO A 349 2.75 -28.42 -1.11
C PRO A 349 3.02 -27.44 -2.27
N VAL A 350 4.27 -27.41 -2.71
CA VAL A 350 4.67 -26.49 -3.77
C VAL A 350 4.40 -27.24 -5.06
N ARG A 351 3.17 -27.09 -5.53
CA ARG A 351 2.65 -27.88 -6.61
C ARG A 351 1.74 -27.07 -7.52
N LEU A 352 1.88 -27.32 -8.82
CA LEU A 352 1.03 -26.72 -9.85
C LEU A 352 0.02 -27.74 -10.30
N ARG A 353 -1.17 -27.29 -10.64
CA ARG A 353 -2.27 -28.20 -10.94
C ARG A 353 -2.17 -28.95 -12.29
#